data_7QPY
#
_entry.id   7QPY
#
_cell.length_a   100.220
_cell.length_b   32.500
_cell.length_c   72.380
_cell.angle_alpha   90.000
_cell.angle_beta   90.408
_cell.angle_gamma   90.000
#
_symmetry.space_group_name_H-M   'C 1 2 1'
#
loop_
_entity.id
_entity.type
_entity.pdbx_description
1 polymer 'Ribonuclease pancreatic'
2 non-polymer "cis-bis(mi2-acetato-O, O')-(mi2-trifluoroacetato-O, O')-diaquo-dirhodium (II)"
3 non-polymer "(mi2-acetato-O, O')-hexaaquo-dirhodium (II)"
4 non-polymer "cis-bis(mi2-acetato-O, O')-tetraaquo-dirhodium(II)"
5 water water
#
_entity_poly.entity_id   1
_entity_poly.type   'polypeptide(L)'
_entity_poly.pdbx_seq_one_letter_code
;KETAAAKFERQHMDSSTSAASSSNYCNQMMKSRNLTKDRCKPVNTFVHESLADVQAVCSQKNVACKNGQTNCYQSYSTMS
ITDCRETGSSKYPNCAYKTTQANKHIIVACEGNPYVPVHFDASV
;
_entity_poly.pdbx_strand_id   A,B
#
loop_
_chem_comp.id
_chem_comp.type
_chem_comp.name
_chem_comp.formula
F3I non-polymer '(mi2-acetato-O, O')-hexaaquo-dirhodium (II)' 'C2 H10 O8 Rh2 2'
F5I non-polymer 'cis-bis(mi2-acetato-O, O')-tetraaquo-dirhodium(II)' 'C4 H12 O8 Rh2 2'
F5T non-polymer 'cis-bis(mi2-acetato-O, O')-(mi2-trifluoroacetato-O, O')-diaquo-dirhodium (II)' 'C6 H11 F3 O8 Rh2 2'
#
# COMPACT_ATOMS: atom_id res chain seq x y z
N LYS A 1 17.76 -10.21 18.14
CA LYS A 1 17.98 -8.79 18.54
C LYS A 1 17.40 -7.86 17.47
N GLU A 2 17.90 -7.95 16.23
CA GLU A 2 17.35 -7.22 15.06
C GLU A 2 16.01 -7.85 14.69
N THR A 3 14.93 -7.05 14.72
CA THR A 3 13.60 -7.50 14.25
C THR A 3 13.60 -7.64 12.73
N ALA A 4 12.69 -8.47 12.23
CA ALA A 4 12.40 -8.62 10.79
C ALA A 4 12.10 -7.24 10.22
N ALA A 5 11.28 -6.47 10.89
CA ALA A 5 10.95 -5.12 10.42
C ALA A 5 12.25 -4.30 10.33
N ALA A 6 13.05 -4.30 11.39
CA ALA A 6 14.30 -3.50 11.41
C ALA A 6 15.27 -3.98 10.31
N LYS A 7 15.36 -5.26 10.07
CA LYS A 7 16.22 -5.82 8.99
C LYS A 7 15.73 -5.31 7.64
N PHE A 8 14.40 -5.26 7.42
CA PHE A 8 13.86 -4.70 6.17
C PHE A 8 14.33 -3.26 6.04
N GLU A 9 14.21 -2.49 7.12
CA GLU A 9 14.60 -1.07 7.12
C GLU A 9 16.10 -0.91 6.81
N ARG A 10 16.92 -1.73 7.42
CA ARG A 10 18.39 -1.65 7.21
C ARG A 10 18.69 -2.01 5.75
N GLN A 11 18.09 -3.07 5.23
CA GLN A 11 18.45 -3.56 3.87
C GLN A 11 17.81 -2.69 2.80
N HIS A 12 16.65 -2.08 3.03
CA HIS A 12 15.83 -1.59 1.89
C HIS A 12 15.36 -0.16 2.01
N MET A 13 15.44 0.48 3.17
CA MET A 13 14.93 1.86 3.27
C MET A 13 16.05 2.88 3.13
N ASP A 14 15.85 3.87 2.31
CA ASP A 14 16.76 5.04 2.33
C ASP A 14 15.95 6.27 1.96
N SER A 15 15.19 6.76 2.93
CA SER A 15 14.30 7.92 2.73
C SER A 15 15.08 9.24 2.55
N SER A 16 16.34 9.34 3.00
CA SER A 16 17.14 10.61 3.05
C SER A 16 17.32 11.25 1.67
N THR A 17 17.50 10.43 0.64
CA THR A 17 17.76 10.86 -0.75
C THR A 17 16.48 10.65 -1.56
N SER A 18 16.25 11.50 -2.56
CA SER A 18 15.07 11.48 -3.46
C SER A 18 15.30 10.44 -4.57
N ALA A 19 16.57 10.13 -4.90
CA ALA A 19 16.99 9.28 -6.03
C ALA A 19 18.50 9.01 -5.96
N ALA A 20 18.96 7.92 -6.60
CA ALA A 20 20.30 7.31 -6.42
C ALA A 20 21.34 8.44 -6.35
N SER A 21 21.86 8.66 -5.14
CA SER A 21 22.69 9.86 -4.79
C SER A 21 23.77 10.07 -5.86
N SER A 22 24.31 8.97 -6.42
CA SER A 22 25.48 9.02 -7.35
C SER A 22 25.80 7.64 -7.92
N SER A 23 26.71 7.60 -8.88
CA SER A 23 27.27 6.35 -9.46
CA SER A 23 27.31 6.37 -9.47
C SER A 23 27.91 5.51 -8.35
N ASN A 24 28.32 6.15 -7.24
CA ASN A 24 28.98 5.56 -6.04
C ASN A 24 27.98 4.99 -5.03
N TYR A 25 26.70 5.34 -5.16
CA TYR A 25 25.69 5.14 -4.10
C TYR A 25 25.65 3.68 -3.63
N CYS A 26 25.53 2.73 -4.54
CA CYS A 26 25.39 1.30 -4.16
C CYS A 26 26.69 0.83 -3.49
N ASN A 27 27.83 1.24 -4.03
CA ASN A 27 29.10 0.86 -3.41
C ASN A 27 29.11 1.27 -1.93
N GLN A 28 28.70 2.50 -1.60
CA GLN A 28 28.72 3.03 -0.21
C GLN A 28 27.64 2.34 0.63
N MET A 29 26.41 2.31 0.08
CA MET A 29 25.23 1.84 0.85
C MET A 29 25.26 0.34 1.11
N MET A 30 25.69 -0.46 0.15
CA MET A 30 25.78 -1.93 0.36
C MET A 30 26.75 -2.24 1.52
N LYS A 31 27.85 -1.48 1.61
CA LYS A 31 28.83 -1.66 2.73
C LYS A 31 28.24 -1.20 4.07
N SER A 32 27.74 0.04 4.08
CA SER A 32 27.31 0.78 5.29
C SER A 32 26.08 0.13 5.92
N ARG A 33 25.20 -0.49 5.12
CA ARG A 33 24.04 -1.24 5.66
C ARG A 33 24.41 -2.69 5.96
N ASN A 34 25.71 -2.99 5.86
CA ASN A 34 26.32 -4.30 6.20
C ASN A 34 25.79 -5.42 5.32
N LEU A 35 25.62 -5.17 4.03
CA LEU A 35 25.20 -6.22 3.05
C LEU A 35 26.42 -6.75 2.28
N THR A 36 27.63 -6.35 2.66
CA THR A 36 28.89 -6.87 2.05
C THR A 36 29.80 -7.48 3.13
N LYS A 37 29.23 -7.85 4.28
CA LYS A 37 30.00 -8.21 5.50
C LYS A 37 30.54 -9.63 5.34
N ASP A 38 29.65 -10.58 5.02
CA ASP A 38 29.92 -12.04 4.90
C ASP A 38 30.24 -12.41 3.45
N ARG A 39 29.60 -11.74 2.50
CA ARG A 39 29.77 -11.94 1.04
C ARG A 39 29.34 -10.65 0.35
N CYS A 40 29.46 -10.56 -0.97
CA CYS A 40 28.79 -9.49 -1.75
C CYS A 40 27.36 -9.93 -2.00
N LYS A 41 26.40 -9.29 -1.31
CA LYS A 41 24.97 -9.53 -1.62
C LYS A 41 24.81 -9.20 -3.10
N PRO A 42 24.39 -10.11 -3.99
CA PRO A 42 24.43 -9.84 -5.41
C PRO A 42 23.48 -8.75 -5.93
N VAL A 43 22.29 -8.65 -5.35
CA VAL A 43 21.30 -7.64 -5.79
C VAL A 43 20.57 -7.10 -4.57
N ASN A 44 20.20 -5.84 -4.59
CA ASN A 44 19.49 -5.24 -3.46
C ASN A 44 18.84 -3.96 -3.96
N THR A 45 17.66 -3.67 -3.45
CA THR A 45 16.91 -2.46 -3.76
C THR A 45 16.75 -1.58 -2.53
N PHE A 46 16.98 -0.27 -2.70
CA PHE A 46 16.69 0.75 -1.67
C PHE A 46 15.53 1.59 -2.13
N VAL A 47 14.63 1.88 -1.21
CA VAL A 47 13.42 2.69 -1.48
C VAL A 47 13.59 4.08 -0.87
N HIS A 48 13.30 5.09 -1.67
CA HIS A 48 13.45 6.52 -1.32
C HIS A 48 12.06 7.11 -1.16
N GLU A 49 11.34 6.58 -0.21
CA GLU A 49 10.04 7.12 0.21
C GLU A 49 10.01 7.06 1.72
N SER A 50 9.05 7.72 2.34
CA SER A 50 8.94 7.71 3.80
C SER A 50 8.69 6.31 4.33
N LEU A 51 9.09 6.02 5.54
CA LEU A 51 8.80 4.72 6.16
C LEU A 51 7.28 4.53 6.14
N ALA A 52 6.49 5.55 6.45
CA ALA A 52 5.04 5.39 6.58
C ALA A 52 4.50 5.00 5.21
N ASP A 53 5.00 5.57 4.14
CA ASP A 53 4.49 5.25 2.78
C ASP A 53 4.83 3.80 2.43
N VAL A 54 6.00 3.30 2.78
CA VAL A 54 6.37 1.91 2.48
C VAL A 54 5.56 1.00 3.39
N GLN A 55 5.39 1.33 4.65
CA GLN A 55 4.58 0.50 5.57
C GLN A 55 3.12 0.42 5.06
N ALA A 56 2.63 1.45 4.43
CA ALA A 56 1.23 1.49 3.98
C ALA A 56 1.04 0.49 2.84
N VAL A 57 2.10 0.05 2.17
CA VAL A 57 1.96 -0.91 1.05
C VAL A 57 1.36 -2.18 1.58
N CYS A 58 1.51 -2.50 2.85
CA CYS A 58 1.01 -3.77 3.42
C CYS A 58 -0.52 -3.81 3.39
N SER A 59 -1.16 -2.68 3.11
N SER A 59 -1.20 -2.70 3.15
CA SER A 59 -2.62 -2.48 3.03
CA SER A 59 -2.68 -2.68 2.99
C SER A 59 -3.06 -2.31 1.58
C SER A 59 -3.05 -2.25 1.56
N GLN A 60 -2.15 -2.42 0.60
CA GLN A 60 -2.38 -2.12 -0.83
C GLN A 60 -2.63 -3.40 -1.65
N LYS A 61 -2.10 -3.52 -2.86
CA LYS A 61 -2.60 -4.56 -3.81
C LYS A 61 -1.98 -5.88 -3.41
N ASN A 62 -2.78 -6.84 -2.99
CA ASN A 62 -2.29 -8.17 -2.60
C ASN A 62 -1.93 -8.93 -3.87
N VAL A 63 -0.72 -9.45 -3.91
CA VAL A 63 -0.19 -10.20 -5.06
C VAL A 63 0.58 -11.42 -4.55
N ALA A 64 0.72 -12.43 -5.41
CA ALA A 64 1.51 -13.60 -5.04
C ALA A 64 2.95 -13.18 -4.90
N CYS A 65 3.64 -13.69 -3.90
CA CYS A 65 5.09 -13.56 -3.75
C CYS A 65 5.79 -14.52 -4.72
N LYS A 66 7.00 -14.21 -5.10
CA LYS A 66 7.84 -15.09 -5.92
C LYS A 66 7.98 -16.48 -5.31
N ASN A 67 7.97 -16.61 -4.00
CA ASN A 67 8.15 -17.91 -3.32
C ASN A 67 6.83 -18.68 -3.23
N GLY A 68 5.75 -18.17 -3.79
CA GLY A 68 4.44 -18.79 -3.76
C GLY A 68 3.61 -18.52 -2.54
N GLN A 69 4.15 -17.79 -1.58
CA GLN A 69 3.37 -17.31 -0.45
C GLN A 69 2.40 -16.22 -0.91
N THR A 70 1.39 -15.90 -0.12
CA THR A 70 0.30 -14.99 -0.50
C THR A 70 0.45 -13.60 0.11
N ASN A 71 1.46 -13.42 0.94
CA ASN A 71 1.56 -12.17 1.77
C ASN A 71 2.42 -11.10 1.11
N CYS A 72 2.31 -10.92 -0.19
CA CYS A 72 3.01 -9.79 -0.89
C CYS A 72 2.01 -8.78 -1.34
N TYR A 73 2.50 -7.56 -1.44
CA TYR A 73 1.68 -6.37 -1.67
C TYR A 73 2.40 -5.42 -2.59
N GLN A 74 1.72 -4.96 -3.59
CA GLN A 74 2.25 -4.06 -4.63
C GLN A 74 1.74 -2.64 -4.34
N SER A 75 2.64 -1.67 -4.42
CA SER A 75 2.27 -0.26 -4.21
C SER A 75 1.36 0.24 -5.32
N TYR A 76 0.30 0.96 -4.96
CA TYR A 76 -0.55 1.53 -6.01
C TYR A 76 0.18 2.64 -6.74
N SER A 77 0.97 3.40 -6.00
N SER A 77 0.97 3.40 -6.00
CA SER A 77 1.80 4.48 -6.59
CA SER A 77 1.77 4.51 -6.55
C SER A 77 3.16 3.92 -7.01
C SER A 77 3.17 4.00 -6.93
N THR A 78 3.81 4.62 -7.91
CA THR A 78 5.22 4.35 -8.23
C THR A 78 6.04 5.02 -7.12
N MET A 79 7.19 4.42 -6.84
CA MET A 79 8.10 4.88 -5.78
C MET A 79 9.49 5.03 -6.37
N SER A 80 10.23 5.99 -5.81
CA SER A 80 11.63 6.22 -6.17
C SER A 80 12.48 5.12 -5.53
N ILE A 81 13.22 4.40 -6.35
CA ILE A 81 14.03 3.26 -5.82
C ILE A 81 15.41 3.33 -6.45
N THR A 82 16.36 2.62 -5.86
CA THR A 82 17.70 2.41 -6.45
C THR A 82 17.93 0.90 -6.43
N ASP A 83 18.21 0.34 -7.58
CA ASP A 83 18.65 -1.07 -7.71
C ASP A 83 20.18 -1.08 -7.66
N CYS A 84 20.75 -1.99 -6.87
CA CYS A 84 22.19 -2.28 -6.78
C CYS A 84 22.45 -3.69 -7.31
N ARG A 85 23.33 -3.82 -8.29
CA ARG A 85 23.64 -5.10 -8.97
C ARG A 85 25.15 -5.26 -8.96
N GLU A 86 25.63 -6.33 -8.36
CA GLU A 86 27.09 -6.58 -8.24
C GLU A 86 27.65 -6.70 -9.67
N THR A 87 28.74 -5.99 -9.96
CA THR A 87 29.48 -6.04 -11.26
C THR A 87 30.11 -7.43 -11.42
N GLY A 88 30.35 -7.86 -12.66
CA GLY A 88 30.89 -9.21 -12.96
C GLY A 88 32.34 -9.36 -12.52
N SER A 89 32.99 -8.24 -12.16
CA SER A 89 34.42 -8.13 -11.74
C SER A 89 34.55 -7.74 -10.25
N SER A 90 33.43 -7.59 -9.55
CA SER A 90 33.38 -7.42 -8.07
C SER A 90 33.93 -8.68 -7.41
N LYS A 91 34.89 -8.53 -6.49
CA LYS A 91 35.46 -9.64 -5.69
C LYS A 91 35.50 -9.23 -4.23
N TYR A 92 34.73 -9.93 -3.40
CA TYR A 92 34.74 -9.81 -1.92
C TYR A 92 36.20 -9.77 -1.46
N PRO A 93 36.63 -8.88 -0.54
CA PRO A 93 35.76 -7.97 0.21
C PRO A 93 35.54 -6.59 -0.43
N ASN A 94 36.00 -6.38 -1.68
CA ASN A 94 35.79 -5.11 -2.42
C ASN A 94 34.58 -5.30 -3.33
N CYS A 95 33.39 -5.34 -2.71
CA CYS A 95 32.11 -5.55 -3.43
C CYS A 95 31.85 -4.29 -4.27
N ALA A 96 31.63 -4.44 -5.57
CA ALA A 96 31.38 -3.29 -6.45
C ALA A 96 30.03 -3.48 -7.13
N TYR A 97 29.29 -2.39 -7.24
CA TYR A 97 27.90 -2.41 -7.70
C TYR A 97 27.66 -1.35 -8.77
N LYS A 98 26.78 -1.71 -9.71
CA LYS A 98 26.12 -0.69 -10.56
C LYS A 98 24.89 -0.17 -9.82
N THR A 99 24.77 1.15 -9.81
CA THR A 99 23.66 1.94 -9.23
C THR A 99 22.68 2.34 -10.33
N THR A 100 21.43 1.92 -10.22
CA THR A 100 20.37 2.31 -11.18
C THR A 100 19.16 2.87 -10.44
N GLN A 101 18.77 4.07 -10.81
CA GLN A 101 17.59 4.76 -10.25
C GLN A 101 16.42 4.41 -11.15
N ALA A 102 15.26 4.24 -10.53
CA ALA A 102 14.00 4.01 -11.27
C ALA A 102 12.85 4.50 -10.42
N ASN A 103 11.71 4.65 -11.07
CA ASN A 103 10.42 4.96 -10.41
C ASN A 103 9.50 3.82 -10.80
N LYS A 104 9.21 2.96 -9.85
CA LYS A 104 8.48 1.71 -10.12
C LYS A 104 7.58 1.41 -8.92
N HIS A 105 6.60 0.57 -9.15
CA HIS A 105 5.78 -0.03 -8.07
C HIS A 105 6.66 -1.04 -7.36
N ILE A 106 6.61 -1.01 -6.05
CA ILE A 106 7.36 -2.00 -5.24
C ILE A 106 6.40 -3.12 -4.86
N ILE A 107 7.00 -4.28 -4.64
CA ILE A 107 6.29 -5.46 -4.06
C ILE A 107 7.03 -5.87 -2.82
N VAL A 108 6.34 -5.86 -1.68
CA VAL A 108 6.97 -6.26 -0.41
C VAL A 108 6.17 -7.41 0.20
N ALA A 109 6.81 -8.24 0.98
CA ALA A 109 6.12 -9.23 1.82
C ALA A 109 5.95 -8.63 3.21
N CYS A 110 4.79 -8.81 3.77
CA CYS A 110 4.45 -8.26 5.10
C CYS A 110 4.11 -9.39 6.05
N GLU A 111 4.40 -9.16 7.32
N GLU A 111 4.53 -9.24 7.32
CA GLU A 111 4.12 -10.13 8.39
CA GLU A 111 4.28 -10.22 8.41
C GLU A 111 3.91 -9.38 9.70
C GLU A 111 4.11 -9.48 9.73
N GLY A 112 3.43 -10.13 10.69
CA GLY A 112 3.43 -9.68 12.09
C GLY A 112 2.22 -8.90 12.48
N ASN A 113 2.24 -8.50 13.76
CA ASN A 113 1.27 -7.60 14.39
C ASN A 113 2.11 -6.63 15.19
N PRO A 114 2.41 -5.43 14.65
CA PRO A 114 1.73 -4.90 13.48
C PRO A 114 2.21 -5.53 12.17
N TYR A 115 1.36 -5.43 11.17
CA TYR A 115 1.63 -5.97 9.81
C TYR A 115 2.51 -5.03 9.05
N VAL A 116 3.77 -5.42 8.88
CA VAL A 116 4.77 -4.48 8.32
C VAL A 116 5.64 -5.20 7.31
N PRO A 117 6.36 -4.44 6.49
CA PRO A 117 7.21 -5.05 5.50
C PRO A 117 8.39 -5.79 6.16
N VAL A 118 8.67 -6.98 5.71
CA VAL A 118 9.80 -7.79 6.21
C VAL A 118 10.67 -8.24 5.04
N HIS A 119 10.29 -8.01 3.79
CA HIS A 119 11.01 -8.57 2.63
C HIS A 119 10.70 -7.72 1.42
N PHE A 120 11.68 -7.45 0.59
CA PHE A 120 11.47 -6.75 -0.68
C PHE A 120 11.45 -7.83 -1.75
N ASP A 121 10.32 -7.99 -2.43
CA ASP A 121 10.18 -9.08 -3.41
C ASP A 121 10.56 -8.68 -4.83
N ALA A 122 10.17 -7.51 -5.29
CA ALA A 122 10.30 -7.11 -6.70
C ALA A 122 9.90 -5.68 -6.87
N SER A 123 10.29 -5.13 -8.01
CA SER A 123 9.70 -3.88 -8.49
C SER A 123 9.15 -4.14 -9.88
N VAL A 124 8.10 -3.43 -10.25
CA VAL A 124 7.45 -3.65 -11.56
C VAL A 124 7.09 -2.30 -12.15
N LYS B 1 -5.79 -4.61 -16.69
CA LYS B 1 -7.15 -4.06 -16.44
C LYS B 1 -7.54 -4.38 -15.00
N GLU B 2 -7.68 -3.35 -14.16
CA GLU B 2 -8.08 -3.53 -12.74
C GLU B 2 -9.44 -4.22 -12.63
N THR B 3 -9.53 -5.30 -11.85
CA THR B 3 -10.83 -5.99 -11.64
C THR B 3 -11.70 -5.07 -10.77
N ALA B 4 -13.00 -5.28 -10.82
CA ALA B 4 -13.92 -4.51 -9.98
C ALA B 4 -13.59 -4.73 -8.49
N ALA B 5 -13.31 -5.97 -8.13
CA ALA B 5 -12.97 -6.31 -6.74
C ALA B 5 -11.71 -5.56 -6.32
N ALA B 6 -10.72 -5.49 -7.19
CA ALA B 6 -9.45 -4.83 -6.90
C ALA B 6 -9.65 -3.31 -6.80
N LYS B 7 -10.50 -2.76 -7.63
CA LYS B 7 -10.76 -1.32 -7.57
C LYS B 7 -11.44 -0.99 -6.22
N PHE B 8 -12.34 -1.85 -5.73
CA PHE B 8 -12.99 -1.66 -4.41
C PHE B 8 -11.90 -1.68 -3.36
N GLU B 9 -10.95 -2.62 -3.41
CA GLU B 9 -9.93 -2.66 -2.35
C GLU B 9 -9.04 -1.41 -2.41
N ARG B 10 -8.68 -0.98 -3.59
CA ARG B 10 -7.83 0.22 -3.72
C ARG B 10 -8.58 1.43 -3.16
N GLN B 11 -9.83 1.61 -3.54
CA GLN B 11 -10.56 2.85 -3.19
C GLN B 11 -11.07 2.78 -1.77
N HIS B 12 -11.32 1.62 -1.18
CA HIS B 12 -12.08 1.58 0.09
C HIS B 12 -11.45 0.76 1.21
N MET B 13 -10.43 -0.07 0.99
CA MET B 13 -9.86 -0.87 2.08
C MET B 13 -8.55 -0.27 2.60
N ASP B 14 -8.54 -0.12 3.92
CA ASP B 14 -7.28 0.17 4.63
C ASP B 14 -7.35 -0.59 5.94
N SER B 15 -7.01 -1.88 5.86
N SER B 15 -7.09 -1.89 5.87
CA SER B 15 -7.01 -2.84 7.00
CA SER B 15 -7.05 -2.78 7.03
C SER B 15 -5.72 -2.68 7.82
C SER B 15 -6.05 -2.22 8.05
N SER B 16 -4.94 -1.64 7.56
CA SER B 16 -3.77 -1.21 8.39
C SER B 16 -4.15 -1.03 9.86
N THR B 17 -5.09 -0.10 10.10
CA THR B 17 -5.25 0.70 11.34
C THR B 17 -6.47 0.24 12.13
N SER B 18 -6.67 0.80 13.34
CA SER B 18 -7.90 0.66 14.17
C SER B 18 -8.85 1.83 13.87
N SER B 22 -4.39 10.64 12.43
CA SER B 22 -3.89 11.93 11.90
C SER B 22 -5.01 12.70 11.21
N SER B 23 -5.01 14.03 11.30
CA SER B 23 -5.96 14.91 10.58
C SER B 23 -5.64 14.92 9.08
N ASN B 24 -4.41 14.55 8.66
N ASN B 24 -4.42 14.49 8.74
CA ASN B 24 -3.99 14.54 7.24
CA ASN B 24 -3.80 14.47 7.39
C ASN B 24 -4.05 13.12 6.67
C ASN B 24 -4.09 13.14 6.67
N TYR B 25 -4.65 12.18 7.39
CA TYR B 25 -4.89 10.79 6.89
C TYR B 25 -5.49 10.85 5.49
N CYS B 26 -6.59 11.59 5.32
CA CYS B 26 -7.29 11.61 4.02
C CYS B 26 -6.42 12.22 2.93
N ASN B 27 -5.68 13.30 3.24
CA ASN B 27 -4.79 13.89 2.21
C ASN B 27 -3.79 12.84 1.71
N GLN B 28 -3.15 12.11 2.59
CA GLN B 28 -2.11 11.14 2.16
C GLN B 28 -2.80 9.92 1.52
N MET B 29 -3.92 9.44 2.05
CA MET B 29 -4.57 8.22 1.50
C MET B 29 -5.20 8.48 0.14
N MET B 30 -5.89 9.62 -0.02
CA MET B 30 -6.51 9.93 -1.32
C MET B 30 -5.42 10.02 -2.39
N LYS B 31 -4.23 10.54 -2.02
CA LYS B 31 -3.05 10.55 -2.92
C LYS B 31 -2.54 9.12 -3.17
N SER B 32 -2.24 8.37 -2.13
CA SER B 32 -1.59 7.04 -2.24
C SER B 32 -2.49 6.01 -2.94
N ARG B 33 -3.80 6.26 -3.02
CA ARG B 33 -4.76 5.31 -3.65
C ARG B 33 -5.13 5.80 -5.05
N ASN B 34 -4.47 6.86 -5.54
CA ASN B 34 -4.57 7.34 -6.92
C ASN B 34 -5.94 7.96 -7.13
N LEU B 35 -6.46 8.60 -6.07
CA LEU B 35 -7.80 9.26 -6.15
C LEU B 35 -7.66 10.77 -6.29
N THR B 36 -6.44 11.28 -6.42
CA THR B 36 -6.20 12.72 -6.73
C THR B 36 -5.39 12.89 -8.02
N LYS B 37 -5.45 11.92 -8.93
CA LYS B 37 -4.60 11.86 -10.15
C LYS B 37 -4.95 13.01 -11.11
N ASP B 38 -6.15 12.99 -11.68
CA ASP B 38 -6.59 13.90 -12.76
C ASP B 38 -7.48 15.00 -12.19
N ARG B 39 -8.22 14.65 -11.13
CA ARG B 39 -9.19 15.51 -10.41
C ARG B 39 -9.16 15.05 -8.96
N CYS B 40 -9.65 15.88 -8.04
CA CYS B 40 -9.83 15.49 -6.62
C CYS B 40 -11.12 14.69 -6.54
N LYS B 41 -11.04 13.40 -6.19
CA LYS B 41 -12.28 12.65 -5.92
C LYS B 41 -12.92 13.29 -4.68
N PRO B 42 -14.17 13.79 -4.78
CA PRO B 42 -14.68 14.61 -3.67
C PRO B 42 -14.96 13.89 -2.36
N VAL B 43 -15.53 12.69 -2.45
CA VAL B 43 -16.00 11.93 -1.26
C VAL B 43 -15.53 10.49 -1.36
N ASN B 44 -14.97 9.97 -0.31
CA ASN B 44 -14.54 8.56 -0.32
C ASN B 44 -14.47 8.04 1.08
N THR B 45 -14.80 6.80 1.27
CA THR B 45 -14.78 6.13 2.57
C THR B 45 -13.74 5.04 2.59
N PHE B 46 -12.94 4.97 3.62
CA PHE B 46 -12.01 3.84 3.83
C PHE B 46 -12.50 3.01 5.01
N VAL B 47 -12.43 1.68 4.87
CA VAL B 47 -12.86 0.73 5.92
C VAL B 47 -11.62 0.11 6.57
N HIS B 48 -11.56 0.24 7.90
N HIS B 48 -11.61 0.03 7.90
CA HIS B 48 -10.48 -0.35 8.75
CA HIS B 48 -10.41 -0.33 8.70
C HIS B 48 -11.03 -1.55 9.53
C HIS B 48 -10.36 -1.82 9.06
N GLU B 49 -11.42 -2.54 8.76
CA GLU B 49 -11.63 -3.92 9.20
C GLU B 49 -10.83 -4.80 8.25
N SER B 50 -10.65 -6.03 8.66
CA SER B 50 -9.97 -7.01 7.81
C SER B 50 -10.73 -7.15 6.51
N LEU B 51 -10.01 -7.49 5.47
CA LEU B 51 -10.62 -7.85 4.18
C LEU B 51 -11.62 -8.97 4.40
N ALA B 52 -11.31 -10.00 5.20
CA ALA B 52 -12.25 -11.12 5.41
C ALA B 52 -13.54 -10.60 6.01
N ASP B 53 -13.44 -9.66 6.93
CA ASP B 53 -14.67 -9.16 7.60
C ASP B 53 -15.50 -8.33 6.60
N VAL B 54 -14.84 -7.59 5.72
CA VAL B 54 -15.63 -6.82 4.72
C VAL B 54 -16.24 -7.78 3.68
N GLN B 55 -15.47 -8.78 3.24
CA GLN B 55 -15.98 -9.74 2.27
C GLN B 55 -17.18 -10.46 2.84
N ALA B 56 -17.16 -10.75 4.15
CA ALA B 56 -18.26 -11.46 4.80
C ALA B 56 -19.57 -10.67 4.76
N VAL B 57 -19.49 -9.35 4.50
CA VAL B 57 -20.76 -8.59 4.42
C VAL B 57 -21.64 -9.12 3.30
N CYS B 58 -21.03 -9.71 2.26
CA CYS B 58 -21.81 -10.25 1.12
C CYS B 58 -22.71 -11.42 1.53
N SER B 59 -22.62 -11.91 2.77
CA SER B 59 -23.51 -12.97 3.31
C SER B 59 -24.32 -12.43 4.47
N GLN B 60 -24.50 -11.10 4.57
CA GLN B 60 -25.25 -10.52 5.69
C GLN B 60 -26.57 -9.94 5.14
N LYS B 61 -26.92 -8.70 5.47
CA LYS B 61 -28.29 -8.24 5.26
C LYS B 61 -28.47 -7.75 3.82
N ASN B 62 -29.21 -8.47 3.02
CA ASN B 62 -29.51 -8.04 1.64
C ASN B 62 -30.43 -6.83 1.65
N VAL B 63 -30.03 -5.81 0.91
CA VAL B 63 -30.81 -4.53 0.77
C VAL B 63 -30.72 -4.09 -0.67
N ALA B 64 -31.64 -3.24 -1.10
CA ALA B 64 -31.48 -2.61 -2.42
C ALA B 64 -30.31 -1.64 -2.40
N CYS B 65 -29.64 -1.52 -3.51
CA CYS B 65 -28.61 -0.52 -3.79
C CYS B 65 -29.25 0.81 -4.20
N LYS B 66 -28.48 1.89 -4.08
N LYS B 66 -28.52 1.90 -4.05
CA LYS B 66 -28.86 3.26 -4.51
CA LYS B 66 -28.99 3.23 -4.48
C LYS B 66 -29.32 3.28 -5.98
C LYS B 66 -29.47 3.14 -5.95
N ASN B 67 -28.72 2.41 -6.80
CA ASN B 67 -29.03 2.33 -8.24
C ASN B 67 -30.26 1.45 -8.53
N GLY B 68 -30.89 0.82 -7.52
CA GLY B 68 -32.09 -0.02 -7.70
C GLY B 68 -31.82 -1.50 -7.91
N GLN B 69 -30.55 -1.86 -8.10
N GLN B 69 -30.56 -1.89 -8.08
CA GLN B 69 -30.09 -3.28 -8.08
CA GLN B 69 -30.17 -3.31 -8.10
C GLN B 69 -30.35 -3.86 -6.68
C GLN B 69 -30.24 -3.86 -6.68
N THR B 70 -30.38 -5.18 -6.54
CA THR B 70 -30.64 -5.83 -5.23
C THR B 70 -29.48 -6.71 -4.79
N ASN B 71 -28.29 -6.43 -5.28
CA ASN B 71 -27.07 -7.17 -4.86
C ASN B 71 -26.30 -6.37 -3.81
N CYS B 72 -26.97 -5.58 -3.00
CA CYS B 72 -26.31 -4.82 -1.93
C CYS B 72 -26.54 -5.56 -0.62
N TYR B 73 -25.60 -5.32 0.27
CA TYR B 73 -25.52 -5.98 1.58
C TYR B 73 -25.09 -4.97 2.62
N GLN B 74 -25.87 -4.92 3.68
CA GLN B 74 -25.49 -4.11 4.84
C GLN B 74 -24.79 -4.96 5.86
N SER B 75 -23.69 -4.47 6.42
CA SER B 75 -22.99 -5.17 7.49
C SER B 75 -23.92 -5.27 8.70
N TYR B 76 -24.00 -6.43 9.34
CA TYR B 76 -24.76 -6.55 10.58
C TYR B 76 -24.11 -5.72 11.68
N SER B 77 -22.81 -5.67 11.74
CA SER B 77 -22.06 -4.97 12.81
C SER B 77 -21.70 -3.60 12.29
N THR B 78 -21.47 -2.67 13.20
CA THR B 78 -20.72 -1.45 12.78
C THR B 78 -19.26 -1.80 12.52
N MET B 79 -18.60 -0.98 11.72
CA MET B 79 -17.19 -1.11 11.35
C MET B 79 -16.49 0.24 11.53
N SER B 80 -15.24 0.17 11.83
CA SER B 80 -14.34 1.34 11.84
C SER B 80 -14.16 1.86 10.42
N ILE B 81 -14.59 3.07 10.17
CA ILE B 81 -14.40 3.71 8.84
C ILE B 81 -13.76 5.10 9.02
N THR B 82 -13.22 5.61 7.94
CA THR B 82 -12.82 7.03 7.83
C THR B 82 -13.56 7.60 6.63
N ASP B 83 -14.27 8.69 6.82
CA ASP B 83 -14.92 9.46 5.74
C ASP B 83 -13.98 10.58 5.36
N CYS B 84 -13.64 10.64 4.10
CA CYS B 84 -12.81 11.67 3.48
C CYS B 84 -13.73 12.51 2.62
N ARG B 85 -13.77 13.82 2.83
CA ARG B 85 -14.58 14.70 2.02
C ARG B 85 -13.76 15.93 1.72
N GLU B 86 -13.69 16.29 0.47
CA GLU B 86 -12.91 17.44 0.03
C GLU B 86 -13.44 18.69 0.75
N THR B 87 -12.53 19.59 1.04
CA THR B 87 -12.87 20.85 1.74
C THR B 87 -13.51 21.75 0.69
N GLY B 88 -14.23 22.76 1.15
CA GLY B 88 -14.82 23.77 0.27
C GLY B 88 -13.76 24.54 -0.49
N SER B 89 -12.54 24.67 0.05
CA SER B 89 -11.44 25.46 -0.57
C SER B 89 -10.44 24.59 -1.33
N SER B 90 -10.64 23.26 -1.38
CA SER B 90 -9.72 22.33 -2.08
C SER B 90 -9.76 22.63 -3.58
N LYS B 91 -8.57 22.71 -4.19
CA LYS B 91 -8.35 23.06 -5.61
C LYS B 91 -7.25 22.17 -6.18
N TYR B 92 -7.62 21.25 -7.07
CA TYR B 92 -6.68 20.41 -7.84
C TYR B 92 -5.62 21.32 -8.46
N PRO B 93 -4.31 20.99 -8.40
CA PRO B 93 -3.84 19.68 -7.94
C PRO B 93 -3.55 19.49 -6.45
N ASN B 94 -3.78 20.49 -5.61
CA ASN B 94 -3.49 20.42 -4.15
C ASN B 94 -4.77 19.98 -3.44
N CYS B 95 -5.17 18.73 -3.68
CA CYS B 95 -6.46 18.20 -3.16
C CYS B 95 -6.44 18.15 -1.63
N ALA B 96 -7.44 18.72 -0.98
CA ALA B 96 -7.48 18.86 0.49
C ALA B 96 -8.77 18.26 0.99
N TYR B 97 -8.65 17.50 2.06
CA TYR B 97 -9.75 16.69 2.63
C TYR B 97 -9.85 16.91 4.12
N LYS B 98 -11.08 16.89 4.59
CA LYS B 98 -11.37 16.68 6.01
C LYS B 98 -11.51 15.18 6.29
N THR B 99 -10.84 14.72 7.32
CA THR B 99 -10.82 13.33 7.79
C THR B 99 -11.80 13.22 8.93
N THR B 100 -12.77 12.33 8.84
CA THR B 100 -13.70 12.08 9.95
C THR B 100 -13.74 10.58 10.22
N GLN B 101 -13.37 10.14 11.43
N GLN B 101 -13.52 10.24 11.48
CA GLN B 101 -13.47 8.71 11.83
CA GLN B 101 -13.54 8.86 11.99
C GLN B 101 -14.86 8.45 12.43
C GLN B 101 -15.00 8.53 12.34
N ALA B 102 -15.44 7.29 12.11
CA ALA B 102 -16.78 6.87 12.55
C ALA B 102 -16.81 5.36 12.68
N ASN B 103 -17.83 4.89 13.37
CA ASN B 103 -18.13 3.46 13.51
C ASN B 103 -19.54 3.27 13.01
N LYS B 104 -19.68 2.72 11.80
CA LYS B 104 -21.00 2.68 11.14
C LYS B 104 -21.16 1.37 10.39
N HIS B 105 -22.39 1.02 10.10
CA HIS B 105 -22.65 -0.14 9.21
C HIS B 105 -22.24 0.29 7.83
N ILE B 106 -21.71 -0.59 7.03
CA ILE B 106 -21.39 -0.30 5.60
C ILE B 106 -22.39 -1.04 4.72
N ILE B 107 -22.69 -0.47 3.57
CA ILE B 107 -23.49 -1.10 2.53
C ILE B 107 -22.63 -1.23 1.30
N VAL B 108 -22.51 -2.45 0.76
CA VAL B 108 -21.63 -2.71 -0.41
C VAL B 108 -22.46 -3.52 -1.41
N ALA B 109 -22.14 -3.35 -2.66
CA ALA B 109 -22.64 -4.23 -3.74
C ALA B 109 -21.67 -5.35 -3.93
N CYS B 110 -22.18 -6.57 -4.05
CA CYS B 110 -21.36 -7.78 -4.18
C CYS B 110 -21.58 -8.44 -5.53
N GLU B 111 -20.52 -8.92 -6.12
CA GLU B 111 -20.66 -9.55 -7.45
C GLU B 111 -19.46 -10.45 -7.66
N GLY B 112 -19.68 -11.44 -8.52
CA GLY B 112 -18.64 -12.27 -9.11
C GLY B 112 -18.36 -13.49 -8.30
N ASN B 113 -17.33 -14.19 -8.75
CA ASN B 113 -16.89 -15.44 -8.11
C ASN B 113 -15.39 -15.35 -7.94
N PRO B 114 -14.91 -15.23 -6.70
CA PRO B 114 -15.68 -15.20 -5.45
C PRO B 114 -16.62 -13.99 -5.34
N TYR B 115 -17.67 -14.14 -4.54
CA TYR B 115 -18.73 -13.12 -4.40
C TYR B 115 -18.30 -12.10 -3.37
N VAL B 116 -17.79 -10.97 -3.86
CA VAL B 116 -17.08 -10.00 -3.01
C VAL B 116 -17.54 -8.61 -3.34
N PRO B 117 -17.24 -7.62 -2.47
CA PRO B 117 -17.64 -6.26 -2.71
C PRO B 117 -16.99 -5.63 -3.94
N VAL B 118 -17.79 -4.92 -4.73
CA VAL B 118 -17.30 -4.26 -5.95
C VAL B 118 -17.72 -2.81 -5.92
N HIS B 119 -18.50 -2.36 -4.96
CA HIS B 119 -18.97 -0.95 -4.87
C HIS B 119 -19.30 -0.64 -3.43
N PHE B 120 -18.93 0.55 -2.97
CA PHE B 120 -19.32 1.06 -1.66
C PHE B 120 -20.55 1.89 -1.85
N ASP B 121 -21.70 1.46 -1.35
CA ASP B 121 -22.98 2.17 -1.60
C ASP B 121 -23.16 3.27 -0.57
N ALA B 122 -22.88 3.02 0.70
CA ALA B 122 -23.14 4.01 1.76
C ALA B 122 -22.65 3.45 3.09
N SER B 123 -22.52 4.33 4.07
CA SER B 123 -22.43 3.94 5.50
C SER B 123 -23.70 4.43 6.20
N VAL B 124 -24.22 3.66 7.13
CA VAL B 124 -25.46 4.03 7.87
C VAL B 124 -25.24 3.83 9.36
RH1 F5T C . 13.50 -12.10 2.55
RH2 F5T C . 15.04 -12.86 4.15
O1 F5T C . 13.94 -10.16 3.18
O2 F5T C . 15.38 -10.85 4.62
O3 F5T C . 12.99 -14.05 1.92
O4 F5T C . 14.57 -14.85 3.71
O0 F5T C . 15.10 -12.00 1.15
O9 F5T C . 16.57 -12.71 2.72
O7 F5T C . 12.03 -12.25 4.03
O8 F5T C . 13.45 -12.90 5.52
C1 F5T C . 14.75 -9.93 4.08
C2 F5T C . 14.88 -8.48 4.54
C3 F5T C . 12.31 -12.56 5.19
C4 F5T C . 11.10 -12.73 6.14
C5 F5T C . 16.18 -12.39 1.60
C6 F5T C . 17.35 -12.46 0.57
F1 F5T C . 17.22 -11.42 -0.27
F2 F5T C . 17.25 -13.60 -0.16
F3 F5T C . 18.58 -12.47 1.13
O9 F3I D . 0.73 -0.19 -13.16
RH3 F3I D . 1.72 1.57 -12.91
O12 F3I D . 3.49 1.12 -13.97
O14 F3I D . -0.18 1.91 -12.00
O15 F3I D . 2.21 4.05 -15.07
RH4 F3I D . 1.07 2.28 -15.14
O13 F3I D . 0.02 0.47 -15.31
O11 F3I D . 3.01 1.83 -15.95
O10 F3I D . 2.81 3.34 -12.95
O16 F3I D . -0.84 2.48 -14.29
C1 F3I D . 3.69 1.13 -15.19
C2 F3I D . 4.78 0.18 -15.76
H10 F3I D . 0.26 -0.38 -13.99
H2 F3I D . 0.45 -0.30 -15.70
C2 F5I E . -15.33 0.60 -6.24
C2 F5I E . -19.24 -2.21 -9.54
O2 F5I E . -15.94 1.50 -8.25
O2 F5I E . -18.23 -0.32 -10.41
C4 F5I E . -18.66 -2.09 -10.08
C4 F5I E . -21.77 3.05 -11.20
O4 F5I E . -18.73 2.77 -11.09
O4 F5I E . -17.33 3.74 -9.87
RH1 F5I E . -19.24 1.71 -8.19
RH1 F5I E . -18.82 2.03 -7.94
RH2 F5I E . -17.31 2.16 -9.68
RH2 F5I E . -17.81 1.71 -10.09
O1 F5I E . -17.64 1.10 -6.96
O1 F5I E . -19.16 0.04 -8.51
O3 F5I E . -20.75 2.25 -9.54
O3 F5I E . -18.36 4.09 -7.69
O5 F5I E . -17.23 4.15 -9.00
O5 F5I E . -16.12 1.12 -9.00
O6 F5I E . -18.97 3.74 -7.67
O6 F5I E . -17.15 1.45 -6.80
O7 F5I E . -19.40 -0.27 -8.85
O7 F5I E . -20.38 2.56 -9.24
O8 F5I E . -17.70 0.14 -10.14
O8 F5I E . -19.53 2.28 -11.15
C1 F5I E . -16.42 1.09 -7.20
C1 F5I E . -18.86 -0.73 -9.45
C3 F5I E . -18.55 -0.62 -9.67
C3 F5I E . -20.49 2.61 -10.46
O2 F5I F . -25.25 0.15 15.31
O4 F5I F . -28.56 -0.39 12.82
RH1 F5I F . -28.51 0.84 15.74
RH2 F5I F . -26.92 -0.04 14.06
O1 F5I F . -26.78 1.10 16.88
O3 F5I F . -28.77 2.73 14.83
O5 F5I F . -26.79 -1.93 14.98
O6 F5I F . -28.35 -1.06 16.61
O7 F5I F . -30.23 0.63 14.55
O8 F5I F . -27.05 1.84 13.09
H7 F5I F . -29.16 0.36 12.87
H9 F5I F . -27.29 -2.12 15.79
H10 F5I F . -27.66 -1.69 16.29
#